data_1NA2
#
_entry.id   1NA2
#
_entity_poly.entity_id   1
_entity_poly.type   'polyribonucleotide'
_entity_poly.pdbx_seq_one_letter_code
;GGGCUGUUUUUCUCGCUGACUUUCAGCCCC
;
_entity_poly.pdbx_strand_id   A
#